data_4U0W
#
_entry.id   4U0W
#
_cell.length_a   99.142
_cell.length_b   99.142
_cell.length_c   353.978
_cell.angle_alpha   90.000
_cell.angle_beta   90.000
_cell.angle_gamma   120.000
#
_symmetry.space_group_name_H-M   'H 3 2'
#
loop_
_entity.id
_entity.type
_entity.pdbx_description
1 polymer 'HTH-type transcriptional repressor YvoA'
2 non-polymer 2-acetamido-2-deoxy-6-O-phosphono-alpha-D-glucopyranose
3 non-polymer GLYCEROL
4 non-polymer 1,2-ETHANEDIOL
5 water water
#
_entity_poly.entity_id   1
_entity_poly.type   'polypeptide(L)'
_entity_poly.pdbx_seq_one_letter_code
;GSHMNINKQSPIPIYYQIMEQLKTQIKNGELQPDMPLPSEREYAEQFGISRMTVRQALSNLVNEGLLYRLKGRGTFVSKP
KMEQALQGLTSFTEDMKSRGMTPGSRLIDYQLIDSTEELAAILGCGHPSSIHKITRVRLANDIPMAIESSHIPFELAGEL
NESHFQSSIYDHIERYNSIPISRAKQELEPSAATTEEANILGIQKGAPVLLIKRTTYLQNGTAFEHAKSVYRGDRYTFVH
YMDRLS
;
_entity_poly.pdbx_strand_id   A,B
#
# COMPACT_ATOMS: atom_id res chain seq x y z
N HIS A 3 -12.33 -16.83 18.38
CA HIS A 3 -11.93 -18.19 18.75
C HIS A 3 -12.24 -19.19 17.65
N MET A 4 -11.48 -20.29 17.64
CA MET A 4 -11.57 -21.28 16.57
C MET A 4 -12.89 -22.02 16.54
N ASN A 5 -13.11 -22.70 15.42
CA ASN A 5 -14.24 -23.61 15.26
C ASN A 5 -13.69 -25.01 15.07
N ILE A 6 -13.86 -25.85 16.09
CA ILE A 6 -13.39 -27.22 16.06
C ILE A 6 -14.56 -28.19 15.96
N ASN A 7 -14.51 -29.06 14.96
CA ASN A 7 -15.60 -29.99 14.73
C ASN A 7 -15.08 -31.41 14.88
N LYS A 8 -15.40 -32.03 16.01
CA LYS A 8 -14.83 -33.33 16.34
C LYS A 8 -15.44 -34.47 15.54
N GLN A 9 -16.65 -34.27 15.03
CA GLN A 9 -17.29 -35.32 14.24
C GLN A 9 -16.82 -35.29 12.79
N SER A 10 -16.02 -34.28 12.44
CA SER A 10 -15.49 -34.16 11.08
C SER A 10 -14.41 -35.21 10.80
N PRO A 11 -14.35 -35.70 9.55
CA PRO A 11 -13.30 -36.66 9.19
C PRO A 11 -11.89 -36.06 9.27
N ILE A 12 -11.79 -34.76 9.14
CA ILE A 12 -10.51 -34.07 9.27
C ILE A 12 -9.99 -34.14 10.72
N PRO A 13 -8.75 -34.63 10.89
CA PRO A 13 -8.22 -34.75 12.27
C PRO A 13 -8.14 -33.41 12.98
N ILE A 14 -8.39 -33.43 14.29
CA ILE A 14 -8.41 -32.22 15.07
C ILE A 14 -7.11 -31.38 14.98
N TYR A 15 -5.94 -32.01 15.04
CA TYR A 15 -4.68 -31.25 14.95
C TYR A 15 -4.64 -30.46 13.63
N TYR A 16 -5.13 -31.09 12.58
CA TYR A 16 -5.12 -30.53 11.24
C TYR A 16 -6.06 -29.31 11.20
N GLN A 17 -7.23 -29.46 11.81
CA GLN A 17 -8.17 -28.37 11.97
C GLN A 17 -7.51 -27.19 12.64
N ILE A 18 -6.84 -27.45 13.76
CA ILE A 18 -6.15 -26.40 14.51
C ILE A 18 -5.10 -25.71 13.64
N MET A 19 -4.30 -26.48 12.91
CA MET A 19 -3.28 -25.89 12.06
C MET A 19 -3.91 -24.97 11.02
N GLU A 20 -5.00 -25.43 10.41
CA GLU A 20 -5.68 -24.68 9.34
C GLU A 20 -6.40 -23.43 9.90
N GLN A 21 -7.12 -23.60 11.01
CA GLN A 21 -7.81 -22.48 11.65
C GLN A 21 -6.79 -21.44 12.09
N LEU A 22 -5.68 -21.90 12.69
CA LEU A 22 -4.63 -20.97 13.10
C LEU A 22 -4.06 -20.25 11.88
N LYS A 23 -3.64 -20.99 10.87
CA LYS A 23 -3.26 -20.42 9.59
C LYS A 23 -4.30 -19.40 9.09
N THR A 24 -5.56 -19.80 8.99
CA THR A 24 -6.62 -18.88 8.62
C THR A 24 -6.64 -17.65 9.54
N GLN A 25 -6.43 -17.86 10.84
CA GLN A 25 -6.43 -16.75 11.79
C GLN A 25 -5.25 -15.82 11.59
N ILE A 26 -4.12 -16.37 11.20
CA ILE A 26 -2.97 -15.54 10.90
C ILE A 26 -3.22 -14.78 9.57
N LYS A 27 -3.96 -15.39 8.65
CA LYS A 27 -4.19 -14.75 7.35
CA LYS A 27 -4.19 -14.76 7.35
C LYS A 27 -5.13 -13.56 7.48
N ASN A 28 -6.16 -13.70 8.31
CA ASN A 28 -7.11 -12.60 8.51
C ASN A 28 -6.71 -11.68 9.67
N GLY A 29 -5.49 -11.85 10.15
CA GLY A 29 -4.93 -10.94 11.13
C GLY A 29 -5.37 -11.11 12.58
N GLU A 30 -6.37 -11.96 12.83
CA GLU A 30 -6.92 -12.13 14.18
C GLU A 30 -5.88 -12.52 15.24
N LEU A 31 -4.70 -12.98 14.79
CA LEU A 31 -3.56 -13.17 15.67
C LEU A 31 -2.39 -12.34 15.17
N GLN A 32 -2.00 -11.35 15.98
CA GLN A 32 -0.92 -10.45 15.62
C GLN A 32 0.39 -10.99 16.19
N PRO A 33 1.54 -10.50 15.70
CA PRO A 33 2.84 -11.04 16.15
C PRO A 33 3.40 -10.36 17.39
N ASP A 34 2.61 -9.50 18.03
CA ASP A 34 3.07 -8.80 19.22
C ASP A 34 2.67 -9.53 20.50
N MET A 35 1.58 -10.32 20.41
CA MET A 35 1.03 -11.05 21.56
C MET A 35 1.16 -12.56 21.38
N PRO A 36 1.48 -13.27 22.48
CA PRO A 36 1.60 -14.73 22.41
C PRO A 36 0.26 -15.45 22.24
N LEU A 37 0.30 -16.61 21.57
CA LEU A 37 -0.87 -17.45 21.42
C LEU A 37 -1.36 -17.93 22.77
N PRO A 38 -2.66 -18.28 22.87
CA PRO A 38 -3.09 -19.01 24.08
C PRO A 38 -2.18 -20.20 24.33
N SER A 39 -2.02 -20.60 25.59
CA SER A 39 -1.14 -21.71 25.90
C SER A 39 -1.74 -23.03 25.41
N GLU A 40 -0.89 -24.04 25.37
CA GLU A 40 -1.32 -25.41 25.15
C GLU A 40 -2.52 -25.78 26.02
N ARG A 41 -2.44 -25.43 27.31
CA ARG A 41 -3.50 -25.73 28.27
C ARG A 41 -4.78 -24.96 27.98
N GLU A 42 -4.63 -23.70 27.58
CA GLU A 42 -5.80 -22.88 27.28
C GLU A 42 -6.56 -23.42 26.10
N TYR A 43 -5.82 -23.80 25.05
CA TYR A 43 -6.44 -24.37 23.86
C TYR A 43 -7.19 -25.67 24.19
N ALA A 44 -6.50 -26.56 24.91
CA ALA A 44 -7.06 -27.87 25.25
C ALA A 44 -8.35 -27.74 26.06
N GLU A 45 -8.30 -26.92 27.11
CA GLU A 45 -9.48 -26.71 27.95
C GLU A 45 -10.61 -26.03 27.19
N GLN A 46 -10.25 -25.15 26.26
CA GLN A 46 -11.26 -24.41 25.51
C GLN A 46 -12.10 -25.34 24.63
N PHE A 47 -11.45 -26.31 23.98
CA PHE A 47 -12.16 -27.16 23.03
C PHE A 47 -12.43 -28.56 23.59
N GLY A 48 -12.04 -28.81 24.83
CA GLY A 48 -12.24 -30.12 25.43
C GLY A 48 -11.52 -31.19 24.64
N ILE A 49 -10.24 -30.95 24.36
CA ILE A 49 -9.43 -31.89 23.60
C ILE A 49 -8.13 -32.12 24.33
N SER A 50 -7.37 -33.11 23.87
CA SER A 50 -6.11 -33.45 24.50
C SER A 50 -5.03 -32.40 24.25
N ARG A 51 -4.18 -32.21 25.24
CA ARG A 51 -3.03 -31.35 25.08
C ARG A 51 -2.08 -31.82 24.03
N MET A 52 -1.95 -33.15 23.89
CA MET A 52 -1.01 -33.68 22.92
C MET A 52 -1.45 -33.37 21.49
N THR A 53 -2.75 -33.19 21.29
CA THR A 53 -3.30 -32.83 19.99
C THR A 53 -2.93 -31.38 19.68
N VAL A 54 -3.19 -30.49 20.64
CA VAL A 54 -2.73 -29.11 20.55
C VAL A 54 -1.22 -29.06 20.28
N ARG A 55 -0.45 -29.81 21.07
CA ARG A 55 1.00 -29.78 20.94
C ARG A 55 1.47 -30.26 19.59
N GLN A 56 0.76 -31.24 19.01
CA GLN A 56 1.07 -31.69 17.66
C GLN A 56 0.85 -30.57 16.63
N ALA A 57 -0.24 -29.84 16.73
CA ALA A 57 -0.54 -28.81 15.74
C ALA A 57 0.45 -27.66 15.85
N LEU A 58 0.71 -27.23 17.08
CA LEU A 58 1.61 -26.09 17.32
C LEU A 58 3.05 -26.40 16.91
N SER A 59 3.54 -27.59 17.25
CA SER A 59 4.89 -28.01 16.85
CA SER A 59 4.89 -28.00 16.85
C SER A 59 5.03 -28.08 15.33
N ASN A 60 3.99 -28.57 14.66
CA ASN A 60 4.04 -28.62 13.20
C ASN A 60 4.15 -27.21 12.62
N LEU A 61 3.42 -26.27 13.22
CA LEU A 61 3.42 -24.88 12.74
C LEU A 61 4.75 -24.21 13.01
N VAL A 62 5.40 -24.63 14.08
CA VAL A 62 6.74 -24.15 14.39
C VAL A 62 7.72 -24.70 13.36
N ASN A 63 7.55 -25.95 12.98
CA ASN A 63 8.43 -26.58 12.01
C ASN A 63 8.24 -26.03 10.60
N GLU A 64 7.08 -25.44 10.34
CA GLU A 64 6.84 -24.76 9.07
C GLU A 64 7.43 -23.35 9.06
N GLY A 65 7.81 -22.86 10.24
CA GLY A 65 8.29 -21.49 10.37
C GLY A 65 7.16 -20.47 10.42
N LEU A 66 5.95 -20.93 10.73
CA LEU A 66 4.81 -20.04 10.84
C LEU A 66 4.62 -19.50 12.25
N LEU A 67 5.20 -20.20 13.22
CA LEU A 67 5.18 -19.80 14.62
C LEU A 67 6.57 -19.93 15.18
N TYR A 68 6.85 -19.22 16.28
CA TYR A 68 8.13 -19.42 16.99
C TYR A 68 7.93 -19.38 18.51
N ARG A 69 8.80 -20.07 19.23
CA ARG A 69 8.77 -20.13 20.69
C ARG A 69 9.86 -19.28 21.34
N LEU A 70 9.46 -18.22 22.03
CA LEU A 70 10.40 -17.46 22.86
C LEU A 70 10.34 -17.97 24.30
N LYS A 71 11.47 -18.43 24.82
CA LYS A 71 11.54 -19.06 26.14
C LYS A 71 11.00 -18.16 27.26
N GLY A 72 10.00 -18.65 27.98
CA GLY A 72 9.44 -17.94 29.12
C GLY A 72 8.41 -16.89 28.76
N ARG A 73 8.24 -16.62 27.47
CA ARG A 73 7.32 -15.58 27.02
C ARG A 73 6.11 -16.18 26.29
N GLY A 74 6.30 -17.34 25.66
CA GLY A 74 5.20 -18.05 25.02
C GLY A 74 5.48 -18.44 23.59
N THR A 75 4.44 -18.49 22.77
CA THR A 75 4.57 -18.81 21.35
C THR A 75 3.97 -17.69 20.52
N PHE A 76 4.68 -17.29 19.46
CA PHE A 76 4.32 -16.11 18.66
C PHE A 76 4.21 -16.35 17.16
N VAL A 77 3.42 -15.51 16.51
CA VAL A 77 3.27 -15.53 15.07
C VAL A 77 4.51 -14.97 14.40
N SER A 78 5.07 -15.71 13.45
CA SER A 78 6.26 -15.27 12.75
C SER A 78 5.88 -14.28 11.66
N LYS A 79 6.65 -13.21 11.52
CA LYS A 79 6.33 -12.21 10.52
C LYS A 79 7.56 -11.84 9.70
N PRO A 80 8.11 -12.83 8.98
CA PRO A 80 9.31 -12.58 8.18
C PRO A 80 9.04 -11.52 7.10
N LYS A 81 9.88 -10.50 7.02
CA LYS A 81 9.71 -9.50 6.00
C LYS A 81 10.93 -9.48 5.12
N MET A 82 10.72 -9.32 3.83
CA MET A 82 11.83 -9.01 2.96
C MET A 82 11.85 -7.50 2.73
N GLU A 83 13.04 -6.94 2.68
CA GLU A 83 13.18 -5.55 2.32
C GLU A 83 13.48 -5.48 0.83
N GLN A 84 12.59 -4.79 0.12
CA GLN A 84 12.76 -4.56 -1.29
C GLN A 84 13.34 -3.17 -1.47
N ALA A 85 14.57 -3.09 -1.97
CA ALA A 85 15.18 -1.80 -2.30
C ALA A 85 14.58 -1.22 -3.58
N LEU A 86 13.88 -0.10 -3.46
CA LEU A 86 13.19 0.48 -4.62
C LEU A 86 14.11 1.17 -5.62
N GLN A 87 15.30 1.58 -5.21
CA GLN A 87 16.12 2.39 -6.12
C GLN A 87 17.04 1.58 -7.05
N GLY A 88 17.21 0.30 -6.76
CA GLY A 88 18.05 -0.56 -7.59
C GLY A 88 17.22 -1.38 -8.57
N LEU A 89 17.50 -1.19 -9.85
CA LEU A 89 16.80 -1.92 -10.90
C LEU A 89 17.25 -3.40 -10.93
N THR A 90 16.37 -4.28 -10.49
CA THR A 90 16.70 -5.71 -10.41
C THR A 90 15.51 -6.55 -10.88
N SER A 91 15.81 -7.80 -11.20
CA SER A 91 14.78 -8.79 -11.51
C SER A 91 14.36 -9.51 -10.25
N PHE A 92 13.21 -10.18 -10.33
CA PHE A 92 12.76 -11.03 -9.24
C PHE A 92 13.83 -12.09 -8.94
N THR A 93 14.38 -12.67 -10.01
CA THR A 93 15.40 -13.71 -9.90
C THR A 93 16.60 -13.19 -9.11
N GLU A 94 17.12 -12.03 -9.51
CA GLU A 94 18.21 -11.38 -8.79
C GLU A 94 17.85 -11.13 -7.31
N ASP A 95 16.63 -10.63 -7.05
CA ASP A 95 16.17 -10.37 -5.68
C ASP A 95 16.26 -11.60 -4.78
N MET A 96 15.72 -12.71 -5.25
CA MET A 96 15.70 -13.93 -4.48
C MET A 96 17.09 -14.53 -4.22
N LYS A 97 17.90 -14.54 -5.27
CA LYS A 97 19.26 -15.07 -5.18
C LYS A 97 20.07 -14.30 -4.13
N SER A 98 19.97 -12.98 -4.16
CA SER A 98 20.67 -12.13 -3.21
C SER A 98 20.17 -12.38 -1.79
N ARG A 99 18.96 -12.90 -1.68
CA ARG A 99 18.35 -13.20 -0.38
C ARG A 99 18.57 -14.66 0.01
N GLY A 100 19.40 -15.36 -0.75
CA GLY A 100 19.64 -16.76 -0.55
C GLY A 100 18.36 -17.57 -0.61
N MET A 101 17.49 -17.23 -1.54
CA MET A 101 16.24 -17.97 -1.73
C MET A 101 16.09 -18.40 -3.18
N THR A 102 15.29 -19.43 -3.41
CA THR A 102 15.12 -19.99 -4.74
C THR A 102 13.92 -19.39 -5.49
N PRO A 103 14.20 -18.67 -6.59
CA PRO A 103 13.09 -18.06 -7.33
C PRO A 103 12.35 -19.09 -8.16
N GLY A 104 11.03 -18.95 -8.27
CA GLY A 104 10.24 -19.79 -9.13
C GLY A 104 9.14 -18.99 -9.80
N SER A 105 8.50 -19.58 -10.81
CA SER A 105 7.33 -19.00 -11.44
C SER A 105 6.27 -20.06 -11.73
N ARG A 106 5.02 -19.66 -11.68
CA ARG A 106 3.93 -20.45 -12.21
C ARG A 106 3.21 -19.56 -13.22
N LEU A 107 2.98 -20.08 -14.42
CA LEU A 107 2.35 -19.28 -15.47
C LEU A 107 0.84 -19.17 -15.24
N ILE A 108 0.36 -17.94 -15.12
CA ILE A 108 -1.08 -17.70 -15.01
C ILE A 108 -1.72 -17.62 -16.41
N ASP A 109 -1.07 -16.85 -17.28
CA ASP A 109 -1.53 -16.67 -18.64
C ASP A 109 -0.37 -16.17 -19.49
N TYR A 110 -0.30 -16.67 -20.72
CA TYR A 110 0.51 -16.05 -21.77
C TYR A 110 -0.37 -15.85 -22.99
N GLN A 111 -0.30 -14.66 -23.58
CA GLN A 111 -0.90 -14.40 -24.88
C GLN A 111 0.02 -13.49 -25.65
N LEU A 112 0.04 -13.66 -26.97
CA LEU A 112 0.64 -12.66 -27.83
C LEU A 112 -0.51 -11.79 -28.32
N ILE A 113 -0.47 -10.52 -27.99
CA ILE A 113 -1.60 -9.65 -28.24
C ILE A 113 -1.25 -8.61 -29.27
N ASP A 114 -2.28 -7.97 -29.83
CA ASP A 114 -2.08 -6.83 -30.72
C ASP A 114 -1.70 -5.61 -29.92
N SER A 115 -0.81 -4.80 -30.46
CA SER A 115 -0.57 -3.49 -29.91
C SER A 115 -1.85 -2.64 -29.92
N THR A 116 -1.93 -1.72 -28.97
CA THR A 116 -3.00 -0.73 -28.90
C THR A 116 -2.32 0.63 -28.93
N GLU A 117 -3.06 1.69 -29.23
CA GLU A 117 -2.45 3.01 -29.26
C GLU A 117 -1.93 3.37 -27.87
N GLU A 118 -2.68 2.97 -26.85
CA GLU A 118 -2.25 3.20 -25.47
C GLU A 118 -0.93 2.49 -25.18
N LEU A 119 -0.87 1.19 -25.43
CA LEU A 119 0.35 0.42 -25.14
C LEU A 119 1.55 0.87 -25.98
N ALA A 120 1.31 1.15 -27.26
CA ALA A 120 2.37 1.58 -28.15
C ALA A 120 2.94 2.93 -27.72
N ALA A 121 2.10 3.80 -27.18
CA ALA A 121 2.58 5.09 -26.71
C ALA A 121 3.44 4.92 -25.44
N ILE A 122 3.04 3.99 -24.58
CA ILE A 122 3.81 3.70 -23.37
C ILE A 122 5.18 3.12 -23.71
N LEU A 123 5.21 2.13 -24.59
CA LEU A 123 6.43 1.43 -24.96
C LEU A 123 7.25 2.14 -26.03
N GLY A 124 6.57 3.00 -26.80
CA GLY A 124 7.21 3.64 -27.94
C GLY A 124 7.52 2.58 -28.97
N CYS A 125 6.67 1.56 -29.04
CA CYS A 125 6.88 0.47 -29.99
C CYS A 125 6.00 0.69 -31.22
N GLY A 126 6.00 -0.28 -32.12
CA GLY A 126 5.24 -0.14 -33.37
C GLY A 126 3.76 -0.46 -33.21
N HIS A 127 2.96 0.02 -34.15
CA HIS A 127 1.53 -0.23 -34.15
C HIS A 127 0.98 -0.17 -35.58
N PRO A 128 0.43 -1.29 -36.10
CA PRO A 128 0.22 -2.60 -35.48
C PRO A 128 1.51 -3.39 -35.26
N SER A 129 1.61 -4.00 -34.08
CA SER A 129 2.71 -4.89 -33.74
C SER A 129 2.23 -5.94 -32.76
N SER A 130 3.07 -6.93 -32.49
CA SER A 130 2.70 -7.97 -31.56
C SER A 130 3.44 -7.73 -30.24
N ILE A 131 2.78 -8.03 -29.13
CA ILE A 131 3.30 -7.69 -27.81
C ILE A 131 3.13 -8.88 -26.93
N HIS A 132 4.23 -9.38 -26.38
CA HIS A 132 4.13 -10.44 -25.39
C HIS A 132 3.36 -9.92 -24.18
N LYS A 133 2.43 -10.72 -23.67
CA LYS A 133 1.78 -10.42 -22.40
C LYS A 133 1.93 -11.65 -21.53
N ILE A 134 2.80 -11.51 -20.53
CA ILE A 134 3.26 -12.62 -19.73
C ILE A 134 2.79 -12.41 -18.29
N THR A 135 1.91 -13.29 -17.81
CA THR A 135 1.38 -13.16 -16.46
C THR A 135 1.77 -14.37 -15.61
N ARG A 136 2.63 -14.13 -14.62
CA ARG A 136 3.17 -15.18 -13.77
C ARG A 136 2.95 -14.91 -12.27
N VAL A 137 2.74 -15.97 -11.51
CA VAL A 137 2.98 -15.91 -10.06
C VAL A 137 4.47 -16.04 -9.85
N ARG A 138 5.08 -15.14 -9.08
CA ARG A 138 6.49 -15.30 -8.75
C ARG A 138 6.61 -15.92 -7.35
N LEU A 139 7.46 -16.94 -7.23
CA LEU A 139 7.58 -17.74 -6.01
C LEU A 139 8.96 -17.63 -5.36
N ALA A 140 8.98 -17.71 -4.04
CA ALA A 140 10.20 -17.75 -3.27
C ALA A 140 10.13 -19.01 -2.42
N ASN A 141 11.00 -19.98 -2.68
CA ASN A 141 10.94 -21.28 -2.02
C ASN A 141 9.53 -21.85 -2.06
N ASP A 142 8.94 -21.78 -3.25
CA ASP A 142 7.60 -22.33 -3.52
C ASP A 142 6.47 -21.56 -2.82
N ILE A 143 6.77 -20.39 -2.25
CA ILE A 143 5.73 -19.54 -1.66
C ILE A 143 5.43 -18.36 -2.57
N PRO A 144 4.15 -18.16 -2.93
CA PRO A 144 3.81 -17.06 -3.85
C PRO A 144 4.07 -15.70 -3.20
N MET A 145 4.81 -14.83 -3.87
CA MET A 145 5.15 -13.52 -3.34
CA MET A 145 5.18 -13.51 -3.35
C MET A 145 4.47 -12.39 -4.12
N ALA A 146 4.23 -12.62 -5.41
CA ALA A 146 3.73 -11.56 -6.27
C ALA A 146 3.03 -12.11 -7.52
N ILE A 147 2.23 -11.27 -8.14
CA ILE A 147 1.64 -11.56 -9.45
C ILE A 147 2.10 -10.46 -10.37
N GLU A 148 2.76 -10.84 -11.47
CA GLU A 148 3.28 -9.87 -12.41
C GLU A 148 2.71 -10.09 -13.81
N SER A 149 2.35 -9.01 -14.49
CA SER A 149 1.87 -9.09 -15.86
C SER A 149 2.74 -8.19 -16.71
N SER A 150 3.65 -8.80 -17.45
CA SER A 150 4.65 -8.02 -18.17
C SER A 150 4.30 -7.90 -19.66
N HIS A 151 4.35 -6.69 -20.20
CA HIS A 151 4.11 -6.43 -21.62
C HIS A 151 5.42 -6.09 -22.32
N ILE A 152 5.78 -6.91 -23.30
CA ILE A 152 7.07 -6.81 -23.95
C ILE A 152 6.91 -6.91 -25.48
N PRO A 153 7.30 -5.87 -26.20
CA PRO A 153 7.25 -5.88 -27.68
C PRO A 153 7.93 -7.12 -28.25
N PHE A 154 7.27 -7.78 -29.20
CA PHE A 154 7.74 -9.07 -29.69
C PHE A 154 9.21 -9.02 -30.14
N GLU A 155 9.55 -7.95 -30.86
CA GLU A 155 10.87 -7.86 -31.47
C GLU A 155 11.99 -7.66 -30.47
N LEU A 156 11.64 -7.35 -29.23
CA LEU A 156 12.66 -7.15 -28.20
C LEU A 156 12.89 -8.44 -27.42
N ALA A 157 12.17 -9.50 -27.78
CA ALA A 157 12.31 -10.78 -27.11
C ALA A 157 12.28 -12.00 -28.04
N GLY A 158 11.76 -11.82 -29.25
CA GLY A 158 11.51 -12.96 -30.12
C GLY A 158 10.52 -13.95 -29.53
N GLU A 159 10.48 -15.16 -30.09
CA GLU A 159 9.51 -16.17 -29.68
C GLU A 159 9.85 -16.72 -28.30
N LEU A 160 8.84 -16.81 -27.43
CA LEU A 160 9.03 -17.31 -26.06
C LEU A 160 8.23 -18.56 -25.78
N ASN A 161 8.76 -19.42 -24.92
CA ASN A 161 8.12 -20.66 -24.54
C ASN A 161 8.22 -20.87 -23.02
N GLU A 162 7.66 -21.96 -22.53
CA GLU A 162 7.59 -22.24 -21.10
C GLU A 162 8.96 -22.14 -20.39
N SER A 163 10.04 -22.49 -21.07
CA SER A 163 11.35 -22.46 -20.43
C SER A 163 11.77 -21.01 -20.11
N HIS A 164 11.30 -20.06 -20.90
CA HIS A 164 11.57 -18.65 -20.65
C HIS A 164 10.81 -18.21 -19.40
N PHE A 165 9.54 -18.59 -19.32
CA PHE A 165 8.67 -18.23 -18.20
C PHE A 165 9.17 -18.80 -16.87
N GLN A 166 9.84 -19.94 -16.93
CA GLN A 166 10.31 -20.64 -15.74
C GLN A 166 11.66 -20.12 -15.28
N SER A 167 12.24 -19.24 -16.09
CA SER A 167 13.53 -18.66 -15.81
C SER A 167 13.39 -17.15 -15.67
N SER A 168 14.47 -16.42 -15.92
CA SER A 168 14.45 -14.97 -15.76
C SER A 168 14.21 -14.27 -17.09
N ILE A 169 13.12 -13.52 -17.17
CA ILE A 169 12.84 -12.73 -18.35
C ILE A 169 13.90 -11.62 -18.56
N TYR A 170 14.37 -10.98 -17.49
CA TYR A 170 15.35 -9.90 -17.66
C TYR A 170 16.66 -10.45 -18.26
N ASP A 171 17.06 -11.64 -17.81
CA ASP A 171 18.24 -12.29 -18.34
C ASP A 171 18.11 -12.54 -19.85
N HIS A 172 16.98 -13.11 -20.24
CA HIS A 172 16.70 -13.30 -21.66
C HIS A 172 16.77 -11.98 -22.41
N ILE A 173 16.13 -10.95 -21.88
CA ILE A 173 16.12 -9.65 -22.54
C ILE A 173 17.54 -9.14 -22.80
N GLU A 174 18.44 -9.20 -21.81
CA GLU A 174 19.78 -8.68 -22.01
C GLU A 174 20.57 -9.48 -23.05
N ARG A 175 20.46 -10.82 -22.98
CA ARG A 175 21.13 -11.68 -23.93
C ARG A 175 20.55 -11.53 -25.34
N TYR A 176 19.22 -11.54 -25.46
CA TYR A 176 18.58 -11.46 -26.77
C TYR A 176 18.91 -10.15 -27.48
N ASN A 177 19.02 -9.07 -26.71
CA ASN A 177 19.25 -7.75 -27.28
C ASN A 177 20.69 -7.28 -27.28
N SER A 178 21.55 -8.01 -26.57
CA SER A 178 22.96 -7.63 -26.41
C SER A 178 23.11 -6.21 -25.89
N ILE A 179 22.17 -5.77 -25.06
CA ILE A 179 22.22 -4.46 -24.40
C ILE A 179 21.75 -4.64 -22.95
N PRO A 180 22.40 -3.96 -22.00
CA PRO A 180 21.94 -4.15 -20.62
C PRO A 180 20.62 -3.44 -20.32
N ILE A 181 19.91 -3.95 -19.32
CA ILE A 181 18.76 -3.27 -18.76
C ILE A 181 19.29 -2.13 -17.89
N SER A 182 18.74 -0.93 -18.04
CA SER A 182 19.41 0.26 -17.54
C SER A 182 18.63 1.09 -16.51
N ARG A 183 17.36 1.33 -16.79
CA ARG A 183 16.59 2.30 -16.02
C ARG A 183 15.10 1.93 -16.04
N ALA A 184 14.38 2.32 -14.99
CA ALA A 184 12.94 2.11 -14.93
C ALA A 184 12.22 3.23 -14.19
N LYS A 185 10.95 3.41 -14.52
CA LYS A 185 10.03 4.25 -13.77
C LYS A 185 9.01 3.33 -13.11
N GLN A 186 8.75 3.50 -11.81
CA GLN A 186 7.73 2.71 -11.11
C GLN A 186 6.68 3.59 -10.42
N GLU A 187 5.43 3.14 -10.43
CA GLU A 187 4.33 3.81 -9.76
C GLU A 187 3.77 2.86 -8.74
N LEU A 188 3.60 3.32 -7.49
CA LEU A 188 3.16 2.48 -6.39
C LEU A 188 1.80 2.94 -5.88
N GLU A 189 0.91 1.98 -5.64
CA GLU A 189 -0.40 2.23 -5.07
CA GLU A 189 -0.39 2.24 -5.05
C GLU A 189 -0.75 1.09 -4.13
N PRO A 190 -1.21 1.42 -2.90
CA PRO A 190 -1.68 0.36 -2.00
C PRO A 190 -3.06 -0.08 -2.44
N SER A 191 -3.39 -1.34 -2.24
CA SER A 191 -4.68 -1.79 -2.70
C SER A 191 -5.13 -2.94 -1.85
N ALA A 192 -6.32 -3.43 -2.12
CA ALA A 192 -6.83 -4.63 -1.47
C ALA A 192 -6.82 -5.78 -2.46
N ALA A 193 -6.28 -6.94 -2.06
CA ALA A 193 -6.24 -8.11 -2.94
C ALA A 193 -7.63 -8.55 -3.42
N THR A 194 -7.82 -8.64 -4.74
CA THR A 194 -9.09 -9.18 -5.24
C THR A 194 -9.21 -10.62 -4.82
N THR A 195 -10.39 -11.18 -5.02
CA THR A 195 -10.64 -12.58 -4.73
C THR A 195 -9.68 -13.46 -5.52
N GLU A 196 -9.45 -13.11 -6.78
CA GLU A 196 -8.58 -13.89 -7.63
C GLU A 196 -7.10 -13.77 -7.23
N GLU A 197 -6.68 -12.55 -6.89
CA GLU A 197 -5.30 -12.31 -6.53
C GLU A 197 -5.01 -13.00 -5.19
N ALA A 198 -6.01 -12.99 -4.30
CA ALA A 198 -5.86 -13.56 -2.97
C ALA A 198 -5.74 -15.07 -3.03
N ASN A 199 -6.53 -15.73 -3.88
CA ASN A 199 -6.48 -17.19 -4.02
C ASN A 199 -5.13 -17.64 -4.57
N ILE A 200 -4.63 -16.94 -5.57
CA ILE A 200 -3.32 -17.25 -6.14
C ILE A 200 -2.19 -17.01 -5.15
N LEU A 201 -2.30 -15.93 -4.37
CA LEU A 201 -1.24 -15.55 -3.45
C LEU A 201 -1.32 -16.24 -2.09
N GLY A 202 -2.42 -16.95 -1.83
CA GLY A 202 -2.58 -17.61 -0.56
C GLY A 202 -2.74 -16.66 0.61
N ILE A 203 -3.34 -15.50 0.34
CA ILE A 203 -3.70 -14.55 1.40
C ILE A 203 -5.21 -14.36 1.41
N GLN A 204 -5.70 -13.53 2.31
CA GLN A 204 -7.14 -13.31 2.44
C GLN A 204 -7.67 -12.33 1.40
N LYS A 205 -8.92 -12.55 0.99
CA LYS A 205 -9.61 -11.59 0.14
C LYS A 205 -9.57 -10.22 0.78
N GLY A 206 -9.13 -9.23 0.02
CA GLY A 206 -9.05 -7.90 0.59
C GLY A 206 -7.78 -7.57 1.33
N ALA A 207 -6.90 -8.56 1.52
CA ALA A 207 -5.63 -8.31 2.23
C ALA A 207 -4.83 -7.23 1.51
N PRO A 208 -3.99 -6.49 2.27
CA PRO A 208 -3.20 -5.39 1.71
C PRO A 208 -2.16 -5.83 0.68
N VAL A 209 -2.12 -5.19 -0.49
CA VAL A 209 -1.07 -5.46 -1.48
C VAL A 209 -0.52 -4.18 -2.07
N LEU A 210 0.69 -4.23 -2.58
CA LEU A 210 1.21 -3.09 -3.28
C LEU A 210 1.03 -3.27 -4.80
N LEU A 211 0.27 -2.37 -5.40
CA LEU A 211 0.09 -2.30 -6.86
C LEU A 211 1.24 -1.57 -7.48
N ILE A 212 1.97 -2.23 -8.37
CA ILE A 212 3.16 -1.64 -8.93
C ILE A 212 3.04 -1.59 -10.46
N LYS A 213 3.32 -0.42 -11.03
CA LYS A 213 3.40 -0.27 -12.49
C LYS A 213 4.83 0.11 -12.85
N ARG A 214 5.50 -0.72 -13.65
CA ARG A 214 6.89 -0.49 -14.03
C ARG A 214 7.11 -0.35 -15.55
N THR A 215 7.79 0.71 -15.96
CA THR A 215 8.22 0.81 -17.35
C THR A 215 9.73 0.72 -17.37
N THR A 216 10.26 -0.24 -18.12
CA THR A 216 11.66 -0.61 -17.98
C THR A 216 12.39 -0.36 -19.30
N TYR A 217 13.61 0.15 -19.22
CA TYR A 217 14.36 0.61 -20.40
C TYR A 217 15.73 -0.06 -20.55
N LEU A 218 16.14 -0.25 -21.81
CA LEU A 218 17.48 -0.71 -22.16
C LEU A 218 18.44 0.47 -22.12
N GLN A 219 19.74 0.17 -22.10
CA GLN A 219 20.80 1.17 -22.08
C GLN A 219 20.69 2.19 -23.24
N ASN A 220 20.06 1.79 -24.36
CA ASN A 220 19.96 2.70 -25.51
C ASN A 220 18.70 3.57 -25.49
N GLY A 221 17.95 3.52 -24.39
CA GLY A 221 16.77 4.35 -24.22
C GLY A 221 15.48 3.69 -24.64
N THR A 222 15.58 2.51 -25.24
CA THR A 222 14.40 1.80 -25.72
C THR A 222 13.68 1.16 -24.53
N ALA A 223 12.38 1.40 -24.45
CA ALA A 223 11.52 0.76 -23.47
C ALA A 223 11.28 -0.69 -23.88
N PHE A 224 11.50 -1.65 -23.00
CA PHE A 224 11.22 -3.03 -23.39
C PHE A 224 10.10 -3.67 -22.60
N GLU A 225 9.66 -2.99 -21.55
CA GLU A 225 8.70 -3.60 -20.64
C GLU A 225 7.76 -2.55 -20.05
N HIS A 226 6.48 -2.90 -20.03
CA HIS A 226 5.52 -2.23 -19.20
C HIS A 226 4.82 -3.32 -18.40
N ALA A 227 5.00 -3.30 -17.09
CA ALA A 227 4.49 -4.37 -16.24
C ALA A 227 3.61 -3.81 -15.12
N LYS A 228 2.57 -4.57 -14.80
CA LYS A 228 1.73 -4.22 -13.66
C LYS A 228 1.70 -5.43 -12.75
N SER A 229 1.89 -5.19 -11.46
CA SER A 229 2.11 -6.26 -10.52
C SER A 229 1.37 -6.02 -9.21
N VAL A 230 1.12 -7.11 -8.51
CA VAL A 230 0.57 -7.12 -7.16
C VAL A 230 1.56 -7.83 -6.24
N TYR A 231 2.11 -7.11 -5.26
CA TYR A 231 3.03 -7.68 -4.28
C TYR A 231 2.36 -7.83 -2.90
N ARG A 232 2.53 -9.00 -2.29
CA ARG A 232 2.01 -9.27 -0.94
C ARG A 232 2.44 -8.25 0.13
N GLY A 233 1.48 -7.65 0.81
CA GLY A 233 1.81 -6.68 1.85
C GLY A 233 2.44 -7.34 3.06
N ASP A 234 2.01 -8.57 3.33
CA ASP A 234 2.38 -9.25 4.57
C ASP A 234 3.78 -9.87 4.57
N ARG A 235 4.50 -9.80 3.45
CA ARG A 235 5.85 -10.36 3.46
C ARG A 235 6.88 -9.43 2.86
N TYR A 236 6.46 -8.20 2.61
CA TYR A 236 7.33 -7.19 2.03
C TYR A 236 7.33 -5.85 2.79
N THR A 237 8.49 -5.23 2.88
CA THR A 237 8.61 -3.84 3.23
C THR A 237 9.40 -3.15 2.13
N PHE A 238 8.89 -2.04 1.62
CA PHE A 238 9.60 -1.36 0.53
C PHE A 238 10.40 -0.18 1.04
N VAL A 239 11.68 -0.17 0.71
CA VAL A 239 12.63 0.81 1.24
C VAL A 239 13.28 1.64 0.15
N HIS A 240 13.40 2.93 0.41
CA HIS A 240 14.13 3.83 -0.47
C HIS A 240 14.73 4.96 0.36
N TYR A 241 15.62 5.73 -0.24
CA TYR A 241 16.29 6.82 0.43
C TYR A 241 16.06 8.11 -0.32
N MET A 242 16.14 9.24 0.38
CA MET A 242 15.95 10.54 -0.22
C MET A 242 17.05 11.52 0.19
N ASP A 243 17.49 12.34 -0.75
CA ASP A 243 18.41 13.42 -0.43
C ASP A 243 17.69 14.76 -0.60
N ARG A 244 18.17 15.77 0.11
CA ARG A 244 17.62 17.12 0.03
C ARG A 244 18.20 17.78 -1.22
N LEU A 245 17.32 18.43 -1.99
CA LEU A 245 17.59 18.99 -3.34
C LEU A 245 17.49 17.92 -4.42
N HIS B 3 -27.68 1.86 -6.43
CA HIS B 3 -28.11 1.08 -5.27
C HIS B 3 -28.26 1.97 -4.01
N MET B 4 -28.59 3.25 -4.22
CA MET B 4 -28.73 4.18 -3.09
C MET B 4 -29.93 3.85 -2.21
N ASN B 5 -29.95 4.51 -1.06
CA ASN B 5 -31.05 4.38 -0.12
C ASN B 5 -31.64 5.77 0.11
N ILE B 6 -32.88 5.97 -0.32
CA ILE B 6 -33.52 7.27 -0.21
C ILE B 6 -34.76 7.20 0.68
N ASN B 7 -34.83 8.11 1.64
CA ASN B 7 -35.91 8.09 2.62
C ASN B 7 -36.70 9.39 2.58
N LYS B 8 -37.87 9.35 1.95
CA LYS B 8 -38.66 10.55 1.71
C LYS B 8 -39.27 11.16 2.97
N GLN B 9 -39.51 10.36 4.00
CA GLN B 9 -40.12 10.91 5.23
C GLN B 9 -39.07 11.55 6.13
N SER B 10 -37.80 11.40 5.78
CA SER B 10 -36.71 12.04 6.53
C SER B 10 -36.76 13.57 6.44
N PRO B 11 -36.43 14.26 7.54
CA PRO B 11 -36.28 15.72 7.50
C PRO B 11 -35.13 16.20 6.60
N ILE B 12 -34.16 15.34 6.32
CA ILE B 12 -33.08 15.69 5.43
C ILE B 12 -33.58 15.75 3.96
N PRO B 13 -33.36 16.89 3.28
CA PRO B 13 -33.84 17.03 1.89
C PRO B 13 -33.30 15.93 0.98
N ILE B 14 -34.11 15.54 0.00
CA ILE B 14 -33.71 14.43 -0.86
C ILE B 14 -32.44 14.70 -1.67
N TYR B 15 -32.22 15.94 -2.13
CA TYR B 15 -31.01 16.23 -2.90
C TYR B 15 -29.76 15.99 -2.02
N TYR B 16 -29.86 16.38 -0.75
CA TYR B 16 -28.79 16.22 0.22
C TYR B 16 -28.52 14.72 0.43
N GLN B 17 -29.59 13.94 0.61
CA GLN B 17 -29.44 12.48 0.70
C GLN B 17 -28.71 11.91 -0.49
N ILE B 18 -29.10 12.34 -1.70
CA ILE B 18 -28.44 11.85 -2.90
C ILE B 18 -26.96 12.17 -2.90
N MET B 19 -26.63 13.42 -2.60
CA MET B 19 -25.25 13.85 -2.58
C MET B 19 -24.46 13.00 -1.57
N GLU B 20 -25.06 12.78 -0.40
CA GLU B 20 -24.35 12.03 0.66
C GLU B 20 -24.22 10.56 0.27
N GLN B 21 -25.33 9.96 -0.17
CA GLN B 21 -25.34 8.57 -0.61
C GLN B 21 -24.35 8.34 -1.75
N LEU B 22 -24.30 9.26 -2.71
CA LEU B 22 -23.34 9.13 -3.81
C LEU B 22 -21.91 9.25 -3.29
N LYS B 23 -21.65 10.22 -2.41
CA LYS B 23 -20.35 10.34 -1.76
C LYS B 23 -19.96 9.03 -1.07
N THR B 24 -20.86 8.50 -0.23
CA THR B 24 -20.63 7.24 0.45
C THR B 24 -20.35 6.11 -0.55
N GLN B 25 -21.00 6.16 -1.71
CA GLN B 25 -20.79 5.19 -2.78
C GLN B 25 -19.42 5.33 -3.42
N ILE B 26 -18.99 6.58 -3.64
CA ILE B 26 -17.69 6.81 -4.25
C ILE B 26 -16.61 6.41 -3.24
N LYS B 27 -16.95 6.44 -1.95
CA LYS B 27 -16.03 6.10 -0.85
CA LYS B 27 -15.92 6.08 -1.00
C LYS B 27 -15.91 4.60 -0.65
N ASN B 28 -16.95 3.85 -1.02
CA ASN B 28 -16.89 2.41 -0.82
C ASN B 28 -16.75 1.64 -2.13
N GLY B 29 -16.57 2.37 -3.22
CA GLY B 29 -16.25 1.77 -4.50
C GLY B 29 -17.43 1.29 -5.32
N GLU B 30 -18.64 1.45 -4.80
CA GLU B 30 -19.86 1.07 -5.53
C GLU B 30 -19.90 1.80 -6.88
N LEU B 31 -19.45 3.05 -6.89
CA LEU B 31 -19.29 3.80 -8.14
C LEU B 31 -17.83 3.79 -8.55
N GLN B 32 -17.58 3.75 -9.86
CA GLN B 32 -16.24 3.67 -10.40
C GLN B 32 -16.06 4.71 -11.51
N PRO B 33 -14.83 5.25 -11.66
CA PRO B 33 -14.50 6.33 -12.62
C PRO B 33 -14.50 5.89 -14.08
N ASP B 34 -14.64 4.59 -14.32
CA ASP B 34 -14.58 4.05 -15.67
C ASP B 34 -15.93 4.12 -16.37
N MET B 35 -16.99 3.81 -15.63
CA MET B 35 -18.36 3.76 -16.17
C MET B 35 -19.16 5.02 -15.85
N PRO B 36 -20.06 5.43 -16.76
CA PRO B 36 -20.89 6.62 -16.48
C PRO B 36 -21.87 6.36 -15.34
N LEU B 37 -22.18 7.40 -14.57
CA LEU B 37 -23.28 7.31 -13.61
C LEU B 37 -24.60 7.05 -14.33
N PRO B 38 -25.59 6.51 -13.59
CA PRO B 38 -26.95 6.45 -14.11
C PRO B 38 -27.48 7.85 -14.46
N SER B 39 -28.27 7.96 -15.53
CA SER B 39 -28.81 9.25 -15.96
C SER B 39 -29.77 9.83 -14.92
N GLU B 40 -30.13 11.11 -15.10
CA GLU B 40 -31.14 11.73 -14.26
C GLU B 40 -32.37 10.85 -14.23
N ARG B 41 -32.74 10.37 -15.41
CA ARG B 41 -33.96 9.58 -15.56
C ARG B 41 -33.93 8.29 -14.79
N GLU B 42 -32.82 7.55 -14.87
CA GLU B 42 -32.71 6.28 -14.17
C GLU B 42 -32.90 6.49 -12.67
N TYR B 43 -32.14 7.44 -12.11
CA TYR B 43 -32.25 7.81 -10.70
C TYR B 43 -33.67 8.23 -10.29
N ALA B 44 -34.28 9.09 -11.09
CA ALA B 44 -35.60 9.61 -10.77
C ALA B 44 -36.66 8.51 -10.75
N GLU B 45 -36.65 7.65 -11.77
CA GLU B 45 -37.62 6.57 -11.87
C GLU B 45 -37.42 5.52 -10.78
N GLN B 46 -36.16 5.18 -10.52
CA GLN B 46 -35.79 4.24 -9.47
C GLN B 46 -36.39 4.61 -8.12
N PHE B 47 -36.30 5.89 -7.76
CA PHE B 47 -36.65 6.31 -6.41
C PHE B 47 -37.98 7.04 -6.33
N GLY B 48 -38.63 7.19 -7.48
CA GLY B 48 -39.87 7.92 -7.53
C GLY B 48 -39.73 9.36 -7.10
N ILE B 49 -38.75 10.05 -7.67
CA ILE B 49 -38.51 11.46 -7.34
C ILE B 49 -38.31 12.31 -8.59
N SER B 50 -38.32 13.62 -8.39
CA SER B 50 -38.22 14.59 -9.46
C SER B 50 -36.87 14.55 -10.14
N ARG B 51 -36.83 14.71 -11.46
CA ARG B 51 -35.55 14.77 -12.16
C ARG B 51 -34.74 16.00 -11.77
N MET B 52 -35.44 17.07 -11.40
CA MET B 52 -34.76 18.30 -11.04
C MET B 52 -34.11 18.16 -9.65
N THR B 53 -34.65 17.28 -8.82
CA THR B 53 -34.00 17.00 -7.53
C THR B 53 -32.68 16.27 -7.77
N VAL B 54 -32.72 15.27 -8.67
CA VAL B 54 -31.52 14.56 -9.07
C VAL B 54 -30.48 15.50 -9.68
N ARG B 55 -30.94 16.37 -10.58
CA ARG B 55 -30.06 17.29 -11.28
C ARG B 55 -29.38 18.24 -10.29
N GLN B 56 -30.12 18.68 -9.28
CA GLN B 56 -29.55 19.56 -8.26
C GLN B 56 -28.40 18.87 -7.50
N ALA B 57 -28.58 17.60 -7.15
CA ALA B 57 -27.55 16.86 -6.43
C ALA B 57 -26.32 16.64 -7.28
N LEU B 58 -26.52 16.24 -8.53
CA LEU B 58 -25.42 15.96 -9.44
C LEU B 58 -24.64 17.21 -9.79
N SER B 59 -25.35 18.32 -9.98
CA SER B 59 -24.68 19.60 -10.25
C SER B 59 -23.86 20.05 -9.05
N ASN B 60 -24.39 19.90 -7.85
CA ASN B 60 -23.62 20.24 -6.65
C ASN B 60 -22.33 19.43 -6.59
N LEU B 61 -22.41 18.14 -6.90
CA LEU B 61 -21.22 17.26 -6.84
C LEU B 61 -20.20 17.63 -7.91
N VAL B 62 -20.68 18.03 -9.08
CA VAL B 62 -19.78 18.54 -10.10
C VAL B 62 -19.05 19.77 -9.56
N ASN B 63 -19.81 20.72 -9.04
CA ASN B 63 -19.24 21.95 -8.48
C ASN B 63 -18.26 21.70 -7.35
N GLU B 64 -18.43 20.59 -6.63
CA GLU B 64 -17.49 20.24 -5.56
C GLU B 64 -16.30 19.45 -6.09
N GLY B 65 -16.31 19.18 -7.39
CA GLY B 65 -15.22 18.48 -8.05
C GLY B 65 -15.37 16.97 -7.97
N LEU B 66 -16.30 16.49 -7.16
CA LEU B 66 -16.48 15.07 -6.97
C LEU B 66 -16.91 14.33 -8.25
N LEU B 67 -17.53 15.05 -9.19
CA LEU B 67 -17.97 14.48 -10.47
C LEU B 67 -17.61 15.41 -11.63
N TYR B 68 -17.66 14.87 -12.85
CA TYR B 68 -17.47 15.69 -14.05
C TYR B 68 -18.36 15.19 -15.19
N ARG B 69 -18.68 16.08 -16.13
CA ARG B 69 -19.54 15.71 -17.25
C ARG B 69 -18.77 15.53 -18.55
N LEU B 70 -19.35 14.78 -19.49
CA LEU B 70 -18.79 14.59 -20.82
C LEU B 70 -19.88 14.65 -21.89
N LYS B 71 -19.65 15.46 -22.91
CA LYS B 71 -20.69 15.92 -23.84
C LYS B 71 -21.58 14.83 -24.45
N GLY B 72 -21.07 13.61 -24.53
CA GLY B 72 -21.83 12.54 -25.18
C GLY B 72 -21.82 11.22 -24.43
N ARG B 73 -20.97 11.13 -23.42
CA ARG B 73 -20.82 9.88 -22.69
C ARG B 73 -21.54 9.94 -21.34
N GLY B 74 -21.73 11.14 -20.81
CA GLY B 74 -22.45 11.33 -19.57
C GLY B 74 -21.62 11.87 -18.41
N THR B 75 -22.03 11.53 -17.20
CA THR B 75 -21.43 12.08 -15.98
C THR B 75 -20.54 11.03 -15.33
N PHE B 76 -19.35 11.45 -14.88
CA PHE B 76 -18.35 10.51 -14.37
C PHE B 76 -17.74 10.86 -13.00
N VAL B 77 -17.33 9.84 -12.26
CA VAL B 77 -16.61 10.02 -11.00
C VAL B 77 -15.19 10.55 -11.21
N SER B 78 -14.86 11.63 -10.53
CA SER B 78 -13.52 12.21 -10.61
C SER B 78 -12.56 11.42 -9.72
N LYS B 79 -11.43 11.02 -10.27
CA LYS B 79 -10.41 10.30 -9.50
C LYS B 79 -9.10 11.09 -9.48
N PRO B 80 -9.13 12.29 -8.90
CA PRO B 80 -7.92 13.10 -8.92
C PRO B 80 -6.85 12.52 -7.99
N LYS B 81 -5.73 12.11 -8.57
CA LYS B 81 -4.64 11.60 -7.77
C LYS B 81 -3.44 12.50 -7.93
N MET B 82 -2.79 12.78 -6.81
CA MET B 82 -1.51 13.48 -6.80
C MET B 82 -0.39 12.47 -6.98
N GLU B 83 0.63 12.83 -7.75
CA GLU B 83 1.84 12.02 -7.79
C GLU B 83 2.78 12.49 -6.71
N GLN B 84 3.24 11.55 -5.89
CA GLN B 84 4.19 11.87 -4.85
C GLN B 84 5.54 11.37 -5.31
N ALA B 85 6.46 12.29 -5.62
CA ALA B 85 7.81 11.91 -6.01
C ALA B 85 8.57 11.42 -4.79
N LEU B 86 9.24 10.28 -4.94
CA LEU B 86 9.81 9.58 -3.79
C LEU B 86 11.31 9.76 -3.58
N GLN B 87 11.99 10.50 -4.43
CA GLN B 87 13.44 10.60 -4.24
C GLN B 87 13.96 11.96 -3.74
N GLY B 88 13.17 13.02 -3.87
CA GLY B 88 13.53 14.29 -3.26
C GLY B 88 12.95 14.40 -1.86
N LEU B 89 13.80 14.69 -0.87
CA LEU B 89 13.34 14.85 0.50
C LEU B 89 12.69 16.21 0.70
N THR B 90 11.39 16.19 0.97
CA THR B 90 10.60 17.40 1.08
C THR B 90 9.59 17.30 2.22
N SER B 91 9.05 18.45 2.63
CA SER B 91 7.97 18.46 3.61
C SER B 91 6.62 18.42 2.91
N PHE B 92 5.60 18.06 3.67
CA PHE B 92 4.22 18.19 3.24
C PHE B 92 3.95 19.61 2.74
N THR B 93 4.37 20.60 3.52
CA THR B 93 4.13 22.00 3.19
C THR B 93 4.73 22.34 1.82
N GLU B 94 5.96 21.88 1.59
CA GLU B 94 6.61 22.03 0.29
C GLU B 94 5.86 21.32 -0.84
N ASP B 95 5.41 20.10 -0.57
CA ASP B 95 4.73 19.30 -1.58
C ASP B 95 3.45 19.98 -2.04
N MET B 96 2.69 20.52 -1.08
CA MET B 96 1.38 21.09 -1.40
C MET B 96 1.52 22.42 -2.16
N LYS B 97 2.49 23.23 -1.74
CA LYS B 97 2.76 24.49 -2.41
C LYS B 97 3.15 24.23 -3.86
N SER B 98 4.01 23.23 -4.07
CA SER B 98 4.46 22.87 -5.40
C SER B 98 3.30 22.50 -6.33
N ARG B 99 2.22 21.96 -5.78
CA ARG B 99 1.04 21.60 -6.57
C ARG B 99 0.03 22.73 -6.55
N GLY B 100 0.44 23.87 -6.02
CA GLY B 100 -0.45 25.01 -5.88
C GLY B 100 -1.68 24.70 -5.06
N MET B 101 -1.48 24.02 -3.93
CA MET B 101 -2.57 23.78 -3.00
C MET B 101 -2.18 24.35 -1.64
N THR B 102 -3.18 24.71 -0.85
CA THR B 102 -2.92 25.27 0.47
C THR B 102 -2.78 24.16 1.51
N PRO B 103 -1.60 24.05 2.13
CA PRO B 103 -1.38 23.05 3.17
C PRO B 103 -1.94 23.49 4.52
N GLY B 104 -2.49 22.54 5.26
CA GLY B 104 -3.01 22.82 6.58
C GLY B 104 -2.74 21.65 7.51
N SER B 105 -3.06 21.84 8.79
CA SER B 105 -2.96 20.78 9.77
C SER B 105 -4.04 20.94 10.83
N ARG B 106 -4.48 19.80 11.33
CA ARG B 106 -5.31 19.75 12.53
CA ARG B 106 -5.34 19.71 12.50
C ARG B 106 -4.58 18.86 13.52
N LEU B 107 -4.36 19.37 14.73
CA LEU B 107 -3.62 18.59 15.73
C LEU B 107 -4.48 17.48 16.29
N ILE B 108 -4.04 16.23 16.13
CA ILE B 108 -4.74 15.08 16.71
C ILE B 108 -4.33 14.89 18.16
N ASP B 109 -3.03 15.03 18.41
CA ASP B 109 -2.47 14.86 19.74
C ASP B 109 -1.05 15.41 19.75
N TYR B 110 -0.69 16.06 20.85
CA TYR B 110 0.70 16.33 21.15
C TYR B 110 1.03 15.79 22.53
N GLN B 111 2.17 15.12 22.62
CA GLN B 111 2.66 14.63 23.90
C GLN B 111 4.15 14.76 23.91
N LEU B 112 4.69 15.21 25.06
CA LEU B 112 6.09 15.06 25.35
C LEU B 112 6.25 13.74 26.09
N ILE B 113 7.03 12.84 25.52
CA ILE B 113 7.12 11.49 26.07
C ILE B 113 8.55 11.18 26.44
N ASP B 114 8.70 10.25 27.38
CA ASP B 114 9.99 9.71 27.75
C ASP B 114 10.52 8.89 26.59
N SER B 115 11.80 9.03 26.30
CA SER B 115 12.43 8.12 25.34
C SER B 115 12.27 6.66 25.77
N THR B 116 12.14 5.77 24.79
CA THR B 116 12.21 4.34 25.03
C THR B 116 13.53 3.88 24.45
N GLU B 117 14.00 2.71 24.86
CA GLU B 117 15.26 2.20 24.32
C GLU B 117 15.11 1.94 22.81
N GLU B 118 13.91 1.51 22.42
CA GLU B 118 13.56 1.33 21.01
C GLU B 118 13.68 2.62 20.18
N LEU B 119 13.02 3.68 20.64
CA LEU B 119 13.08 4.97 19.96
C LEU B 119 14.50 5.54 19.98
N ALA B 120 15.22 5.32 21.08
CA ALA B 120 16.55 5.87 21.24
C ALA B 120 17.54 5.22 20.28
N ALA B 121 17.41 3.92 20.07
CA ALA B 121 18.21 3.23 19.06
C ALA B 121 17.91 3.80 17.66
N ILE B 122 16.64 3.95 17.33
CA ILE B 122 16.24 4.48 16.02
C ILE B 122 16.79 5.89 15.76
N LEU B 123 16.61 6.79 16.72
CA LEU B 123 17.01 8.19 16.57
C LEU B 123 18.47 8.46 16.92
N GLY B 124 19.08 7.54 17.67
CA GLY B 124 20.43 7.73 18.17
C GLY B 124 20.50 8.88 19.16
N CYS B 125 19.40 9.09 19.89
CA CYS B 125 19.31 10.19 20.83
C CYS B 125 19.57 9.67 22.25
N GLY B 126 19.63 10.57 23.22
CA GLY B 126 19.92 10.17 24.59
C GLY B 126 18.79 9.32 25.17
N HIS B 127 19.13 8.55 26.21
CA HIS B 127 18.15 7.77 26.96
C HIS B 127 18.64 7.58 28.39
N PRO B 128 17.95 8.17 29.37
CA PRO B 128 16.67 8.88 29.32
C PRO B 128 16.74 10.23 28.60
N SER B 129 15.71 10.51 27.80
CA SER B 129 15.53 11.84 27.23
C SER B 129 14.05 12.04 26.94
N SER B 130 13.72 13.27 26.51
CA SER B 130 12.35 13.63 26.20
C SER B 130 12.19 13.81 24.69
N ILE B 131 11.07 13.33 24.16
CA ILE B 131 10.82 13.32 22.71
C ILE B 131 9.44 13.87 22.44
N HIS B 132 9.37 14.88 21.57
CA HIS B 132 8.09 15.39 21.06
C HIS B 132 7.39 14.29 20.30
N LYS B 133 6.11 14.08 20.59
CA LYS B 133 5.31 13.19 19.77
C LYS B 133 4.15 13.97 19.20
N ILE B 134 4.28 14.31 17.92
CA ILE B 134 3.36 15.23 17.24
C ILE B 134 2.49 14.52 16.22
N THR B 135 1.20 14.43 16.50
CA THR B 135 0.29 13.70 15.64
C THR B 135 -0.74 14.63 15.00
N ARG B 136 -0.67 14.75 13.68
CA ARG B 136 -1.47 15.73 12.93
C ARG B 136 -2.20 15.11 11.75
N VAL B 137 -3.39 15.60 11.45
CA VAL B 137 -3.98 15.41 10.11
C VAL B 137 -3.38 16.46 9.19
N ARG B 138 -2.92 16.08 8.01
CA ARG B 138 -2.37 17.03 7.09
C ARG B 138 -3.41 17.28 5.98
N LEU B 139 -3.68 18.55 5.68
CA LEU B 139 -4.79 18.90 4.79
C LEU B 139 -4.30 19.54 3.48
N ALA B 140 -5.01 19.27 2.40
CA ALA B 140 -4.78 19.97 1.15
C ALA B 140 -6.08 20.66 0.79
N ASN B 141 -6.07 22.00 0.82
CA ASN B 141 -7.29 22.78 0.66
C ASN B 141 -8.40 22.26 1.58
N ASP B 142 -8.05 22.09 2.85
CA ASP B 142 -8.99 21.66 3.89
C ASP B 142 -9.47 20.22 3.75
N ILE B 143 -8.88 19.47 2.82
CA ILE B 143 -9.21 18.06 2.66
C ILE B 143 -8.11 17.18 3.25
N PRO B 144 -8.48 16.25 4.14
CA PRO B 144 -7.52 15.36 4.82
C PRO B 144 -6.83 14.42 3.86
N MET B 145 -5.51 14.52 3.80
CA MET B 145 -4.70 13.70 2.90
C MET B 145 -3.97 12.60 3.64
N ALA B 146 -3.50 12.92 4.84
CA ALA B 146 -2.62 12.02 5.57
C ALA B 146 -2.72 12.27 7.08
N ILE B 147 -2.38 11.24 7.84
CA ILE B 147 -2.17 11.33 9.28
C ILE B 147 -0.71 11.05 9.58
N GLU B 148 -0.02 11.97 10.23
CA GLU B 148 1.40 11.80 10.53
C GLU B 148 1.67 11.88 12.04
N SER B 149 2.51 10.99 12.54
CA SER B 149 2.91 11.03 13.96
C SER B 149 4.43 11.08 14.00
N SER B 150 4.95 12.28 14.27
CA SER B 150 6.36 12.55 14.18
C SER B 150 7.03 12.60 15.56
N HIS B 151 8.08 11.81 15.72
CA HIS B 151 8.84 11.76 16.98
C HIS B 151 10.14 12.53 16.79
N ILE B 152 10.29 13.62 17.54
CA ILE B 152 11.43 14.51 17.43
C ILE B 152 12.07 14.76 18.81
N PRO B 153 13.35 14.42 18.98
CA PRO B 153 14.06 14.65 20.25
C PRO B 153 13.89 16.10 20.69
N PHE B 154 13.56 16.31 21.97
CA PHE B 154 13.18 17.63 22.43
C PHE B 154 14.23 18.68 22.07
N GLU B 155 15.49 18.36 22.29
CA GLU B 155 16.54 19.37 22.17
C GLU B 155 16.85 19.76 20.73
N LEU B 156 16.17 19.12 19.78
CA LEU B 156 16.35 19.46 18.38
C LEU B 156 15.21 20.32 17.89
N ALA B 157 14.30 20.69 18.79
CA ALA B 157 13.21 21.58 18.39
C ALA B 157 12.80 22.58 19.47
N GLY B 158 13.17 22.32 20.72
CA GLY B 158 12.79 23.20 21.80
C GLY B 158 11.30 23.11 22.08
N GLU B 159 10.77 24.06 22.83
CA GLU B 159 9.34 24.06 23.17
C GLU B 159 8.49 24.33 21.92
N LEU B 160 7.39 23.61 21.79
CA LEU B 160 6.52 23.73 20.63
C LEU B 160 5.10 24.13 21.04
N ASN B 161 4.47 24.99 20.25
CA ASN B 161 3.09 25.38 20.52
C ASN B 161 2.27 25.28 19.26
N GLU B 162 1.00 25.69 19.33
CA GLU B 162 0.09 25.51 18.21
C GLU B 162 0.51 26.28 16.96
N SER B 163 1.35 27.29 17.10
CA SER B 163 1.81 28.01 15.92
C SER B 163 2.78 27.13 15.11
N HIS B 164 3.55 26.29 15.79
CA HIS B 164 4.42 25.33 15.10
C HIS B 164 3.58 24.24 14.43
N PHE B 165 2.58 23.73 15.14
CA PHE B 165 1.74 22.64 14.66
C PHE B 165 0.92 23.05 13.43
N GLN B 166 0.57 24.33 13.34
CA GLN B 166 -0.23 24.84 12.23
C GLN B 166 0.61 25.27 11.04
N SER B 167 1.92 25.19 11.17
CA SER B 167 2.82 25.49 10.05
C SER B 167 3.75 24.31 9.71
N SER B 168 4.96 24.61 9.24
CA SER B 168 5.86 23.57 8.79
C SER B 168 6.89 23.18 9.85
N ILE B 169 6.86 21.92 10.26
CA ILE B 169 7.82 21.42 11.24
C ILE B 169 9.23 21.43 10.65
N TYR B 170 9.37 21.03 9.39
CA TYR B 170 10.70 21.01 8.77
C TYR B 170 11.30 22.42 8.71
N ASP B 171 10.49 23.43 8.42
CA ASP B 171 10.98 24.82 8.46
C ASP B 171 11.44 25.14 9.87
N HIS B 172 10.63 24.78 10.86
CA HIS B 172 11.05 25.01 12.25
C HIS B 172 12.35 24.27 12.57
N ILE B 173 12.46 23.02 12.12
CA ILE B 173 13.65 22.23 12.40
C ILE B 173 14.92 22.89 11.83
N GLU B 174 14.85 23.38 10.58
CA GLU B 174 16.03 24.02 9.98
C GLU B 174 16.38 25.32 10.71
N ARG B 175 15.35 26.11 11.02
CA ARG B 175 15.50 27.38 11.71
CA ARG B 175 15.54 27.38 11.70
C ARG B 175 16.13 27.19 13.09
N TYR B 176 15.57 26.27 13.88
CA TYR B 176 15.99 26.08 15.26
C TYR B 176 17.40 25.52 15.40
N ASN B 177 17.78 24.62 14.50
CA ASN B 177 19.08 23.95 14.60
C ASN B 177 20.21 24.65 13.84
N SER B 178 19.84 25.56 12.94
CA SER B 178 20.80 26.24 12.06
C SER B 178 21.57 25.24 11.18
N ILE B 179 20.99 24.06 11.00
CA ILE B 179 21.54 23.01 10.12
C ILE B 179 20.40 22.54 9.22
N PRO B 180 20.65 22.42 7.91
CA PRO B 180 19.52 22.00 7.05
C PRO B 180 19.24 20.51 7.10
N ILE B 181 18.05 20.13 6.67
CA ILE B 181 17.70 18.73 6.53
CA ILE B 181 17.69 18.72 6.52
C ILE B 181 18.43 18.18 5.30
N SER B 182 18.84 16.92 5.33
CA SER B 182 19.66 16.43 4.24
C SER B 182 19.26 15.09 3.66
N ARG B 183 18.89 14.15 4.51
CA ARG B 183 18.68 12.78 4.03
C ARG B 183 17.60 12.06 4.83
N ALA B 184 16.93 11.09 4.21
CA ALA B 184 15.96 10.28 4.93
C ALA B 184 15.90 8.84 4.41
N LYS B 185 15.52 7.93 5.29
CA LYS B 185 15.19 6.58 4.91
C LYS B 185 13.70 6.39 5.07
N GLN B 186 13.06 5.74 4.10
CA GLN B 186 11.62 5.53 4.17
C GLN B 186 11.23 4.06 3.95
N GLU B 187 10.31 3.55 4.77
CA GLU B 187 9.80 2.19 4.63
C GLU B 187 8.32 2.24 4.31
N LEU B 188 7.93 1.59 3.23
CA LEU B 188 6.55 1.67 2.74
C LEU B 188 5.86 0.34 2.91
N GLU B 189 4.61 0.40 3.33
CA GLU B 189 3.82 -0.81 3.52
C GLU B 189 2.36 -0.53 3.18
N PRO B 190 1.75 -1.36 2.32
CA PRO B 190 0.30 -1.26 2.06
C PRO B 190 -0.49 -1.63 3.28
N SER B 191 -1.57 -0.92 3.57
CA SER B 191 -2.38 -1.27 4.71
C SER B 191 -3.84 -0.99 4.47
N ALA B 192 -4.68 -1.37 5.42
CA ALA B 192 -6.07 -0.97 5.40
C ALA B 192 -6.35 0.00 6.54
N ALA B 193 -7.03 1.10 6.23
CA ALA B 193 -7.37 2.10 7.23
C ALA B 193 -8.14 1.52 8.41
N THR B 194 -7.61 1.73 9.62
CA THR B 194 -8.35 1.40 10.83
C THR B 194 -9.60 2.25 10.93
N THR B 195 -10.52 1.86 11.80
CA THR B 195 -11.73 2.64 12.06
C THR B 195 -11.42 4.10 12.38
N GLU B 196 -10.45 4.33 13.26
CA GLU B 196 -10.07 5.68 13.65
C GLU B 196 -9.37 6.45 12.54
N GLU B 197 -8.50 5.79 11.78
CA GLU B 197 -7.79 6.45 10.69
C GLU B 197 -8.77 6.86 9.59
N ALA B 198 -9.74 5.98 9.32
CA ALA B 198 -10.76 6.22 8.31
C ALA B 198 -11.66 7.40 8.69
N ASN B 199 -12.05 7.50 9.95
CA ASN B 199 -12.94 8.58 10.36
C ASN B 199 -12.26 9.94 10.21
N ILE B 200 -10.96 9.98 10.54
CA ILE B 200 -10.20 11.22 10.43
C ILE B 200 -9.91 11.60 8.98
N LEU B 201 -9.67 10.62 8.11
CA LEU B 201 -9.32 10.91 6.73
C LEU B 201 -10.55 11.07 5.81
N GLY B 202 -11.75 10.81 6.32
CA GLY B 202 -12.94 10.84 5.51
C GLY B 202 -13.00 9.76 4.45
N ILE B 203 -12.39 8.61 4.72
CA ILE B 203 -12.47 7.48 3.82
C ILE B 203 -13.19 6.33 4.52
N GLN B 204 -13.43 5.25 3.79
CA GLN B 204 -14.11 4.09 4.37
C GLN B 204 -13.20 3.31 5.31
N LYS B 205 -13.79 2.71 6.35
CA LYS B 205 -13.04 1.78 7.20
C LYS B 205 -12.47 0.67 6.33
N GLY B 206 -11.18 0.41 6.46
CA GLY B 206 -10.52 -0.64 5.72
C GLY B 206 -10.05 -0.23 4.33
N ALA B 207 -10.31 1.01 3.94
CA ALA B 207 -9.82 1.52 2.65
C ALA B 207 -8.30 1.47 2.59
N PRO B 208 -7.76 1.26 1.38
CA PRO B 208 -6.32 1.16 1.15
C PRO B 208 -5.55 2.43 1.53
N VAL B 209 -4.47 2.26 2.30
CA VAL B 209 -3.57 3.35 2.63
C VAL B 209 -2.14 2.86 2.54
N LEU B 210 -1.21 3.78 2.34
CA LEU B 210 0.20 3.46 2.43
C LEU B 210 0.71 3.83 3.81
N LEU B 211 1.18 2.81 4.53
CA LEU B 211 1.83 3.00 5.83
C LEU B 211 3.30 3.37 5.63
N ILE B 212 3.69 4.57 6.06
CA ILE B 212 5.03 5.02 5.77
C ILE B 212 5.83 5.31 7.06
N LYS B 213 7.03 4.75 7.16
CA LYS B 213 7.95 5.09 8.25
C LYS B 213 9.13 5.84 7.70
N ARG B 214 9.35 7.05 8.22
CA ARG B 214 10.43 7.90 7.76
C ARG B 214 11.39 8.19 8.90
N THR B 215 12.68 8.07 8.65
CA THR B 215 13.68 8.48 9.62
C THR B 215 14.52 9.52 8.93
N THR B 216 14.48 10.74 9.47
CA THR B 216 15.01 11.91 8.76
C THR B 216 16.24 12.50 9.44
N TYR B 217 17.21 12.93 8.65
CA TYR B 217 18.52 13.34 9.16
C TYR B 217 18.90 14.77 8.79
N LEU B 218 19.59 15.43 9.72
CA LEU B 218 20.23 16.71 9.47
C LEU B 218 21.55 16.52 8.72
N GLN B 219 22.06 17.61 8.15
CA GLN B 219 23.32 17.59 7.40
C GLN B 219 24.51 17.13 8.24
N ASN B 220 24.45 17.27 9.55
CA ASN B 220 25.55 16.78 10.40
C ASN B 220 25.44 15.31 10.75
N GLY B 221 24.43 14.64 10.20
CA GLY B 221 24.22 13.21 10.43
C GLY B 221 23.31 12.89 11.60
N THR B 222 22.89 13.89 12.35
CA THR B 222 21.97 13.67 13.46
C THR B 222 20.57 13.43 12.93
N ALA B 223 19.92 12.36 13.39
CA ALA B 223 18.52 12.11 13.08
C ALA B 223 17.64 12.99 13.93
N PHE B 224 16.75 13.74 13.30
CA PHE B 224 15.88 14.62 14.05
C PHE B 224 14.44 14.13 14.09
N GLU B 225 14.12 13.10 13.31
CA GLU B 225 12.72 12.69 13.18
C GLU B 225 12.54 11.20 12.93
N HIS B 226 11.63 10.57 13.66
CA HIS B 226 11.11 9.28 13.27
C HIS B 226 9.59 9.41 13.18
N ALA B 227 9.07 9.27 11.97
CA ALA B 227 7.67 9.53 11.71
C ALA B 227 6.95 8.30 11.17
N LYS B 228 5.73 8.08 11.66
CA LYS B 228 4.88 7.02 11.15
C LYS B 228 3.64 7.67 10.63
N SER B 229 3.31 7.38 9.37
CA SER B 229 2.25 8.08 8.65
C SER B 229 1.34 7.12 7.91
N VAL B 230 0.11 7.56 7.70
CA VAL B 230 -0.86 6.84 6.89
C VAL B 230 -1.31 7.78 5.76
N TYR B 231 -1.03 7.40 4.52
CA TYR B 231 -1.42 8.23 3.37
C TYR B 231 -2.57 7.60 2.60
N ARG B 232 -3.55 8.43 2.24
CA ARG B 232 -4.74 7.98 1.52
C ARG B 232 -4.41 7.33 0.19
N GLY B 233 -4.78 6.07 0.01
CA GLY B 233 -4.56 5.41 -1.26
C GLY B 233 -5.31 6.09 -2.41
N ASP B 234 -6.51 6.59 -2.12
CA ASP B 234 -7.37 7.09 -3.19
C ASP B 234 -6.97 8.45 -3.74
N ARG B 235 -5.98 9.10 -3.14
CA ARG B 235 -5.58 10.42 -3.63
C ARG B 235 -4.11 10.48 -4.03
N TYR B 236 -3.42 9.35 -3.93
CA TYR B 236 -1.97 9.34 -4.09
C TYR B 236 -1.44 8.23 -5.00
N THR B 237 -0.55 8.62 -5.91
CA THR B 237 0.30 7.67 -6.61
C THR B 237 1.74 7.96 -6.22
N PHE B 238 2.47 6.94 -5.78
CA PHE B 238 3.86 7.14 -5.42
C PHE B 238 4.76 6.76 -6.58
N VAL B 239 5.63 7.69 -6.96
CA VAL B 239 6.44 7.53 -8.15
C VAL B 239 7.92 7.64 -7.84
N HIS B 240 8.70 6.70 -8.36
CA HIS B 240 10.15 6.76 -8.23
C HIS B 240 10.83 6.17 -9.46
N TYR B 241 12.14 6.41 -9.58
CA TYR B 241 12.90 5.91 -10.69
C TYR B 241 13.99 4.98 -10.18
N MET B 242 14.40 4.04 -11.02
CA MET B 242 15.38 3.04 -10.62
C MET B 242 16.53 3.04 -11.62
N ASP B 243 17.72 2.72 -11.13
CA ASP B 243 18.90 2.63 -11.98
C ASP B 243 19.55 1.27 -11.79
N ARG B 244 20.22 0.81 -12.85
CA ARG B 244 20.98 -0.42 -12.80
C ARG B 244 22.38 -0.10 -12.28
N LEU B 245 22.71 -0.60 -11.09
CA LEU B 245 23.98 -0.25 -10.46
C LEU B 245 24.67 -1.47 -9.87
#